data_4RC8
#
_entry.id   4RC8
#
_cell.length_a   61.628
_cell.length_b   61.984
_cell.length_c   124.781
_cell.angle_alpha   90.00
_cell.angle_beta   90.00
_cell.angle_gamma   90.00
#
_symmetry.space_group_name_H-M   'P 21 21 21'
#
loop_
_entity.id
_entity.type
_entity.pdbx_description
1 polymer 'Aldehyde decarbonylase'
2 non-polymer 'STEARIC ACID'
3 non-polymer 'FE (III) ION'
4 water water
#
_entity_poly.entity_id   1
_entity_poly.type   'polypeptide(L)'
_entity_poly.pdbx_seq_one_letter_code
;LDFQSESYKDAYSRINAIVIEGEQEAFDNYNRLAEMLPDQRDELHKLAKMEQRHMKGFMACGKNLSVTPDMGFAQKFFER
LHENFKAAAAEGKVVTCLLIQSLIIECFAIAAYNIYIPVADAFARKITEGVVRDEYLHRNFGEEWLKANFDASKAELEEA
NRQNLPLVWLMLNEVADDARELGMERESLVEDFMIAYGEALENIGFTTREIMRMSAYGLAAV
;
_entity_poly.pdbx_strand_id   A,B
#
# COMPACT_ATOMS: atom_id res chain seq x y z
N LEU A 1 29.36 -8.07 9.38
CA LEU A 1 28.83 -7.79 10.75
C LEU A 1 29.51 -8.66 11.81
N ASP A 2 29.51 -8.18 13.05
CA ASP A 2 30.00 -8.98 14.18
C ASP A 2 28.92 -9.93 14.66
N PHE A 3 28.98 -11.16 14.18
CA PHE A 3 27.98 -12.18 14.48
C PHE A 3 28.05 -12.67 15.93
N GLN A 4 29.14 -12.33 16.61
CA GLN A 4 29.37 -12.76 18.00
C GLN A 4 29.04 -11.67 19.02
N SER A 5 28.65 -10.49 18.57
CA SER A 5 28.30 -9.39 19.47
C SER A 5 26.98 -9.70 20.19
N GLU A 6 26.80 -9.12 21.38
CA GLU A 6 25.59 -9.39 22.17
C GLU A 6 24.32 -8.77 21.55
N SER A 7 24.49 -7.64 20.86
CA SER A 7 23.36 -7.00 20.17
C SER A 7 22.89 -7.82 18.97
N TYR A 8 23.84 -8.39 18.23
CA TYR A 8 23.53 -9.27 17.11
C TYR A 8 22.85 -10.55 17.60
N LYS A 9 23.43 -11.16 18.63
CA LYS A 9 22.92 -12.42 19.18
C LYS A 9 21.53 -12.26 19.78
N ASP A 10 21.29 -11.11 20.42
CA ASP A 10 19.98 -10.77 20.98
C ASP A 10 18.91 -10.70 19.89
N ALA A 11 19.21 -9.93 18.84
CA ALA A 11 18.29 -9.84 17.70
C ALA A 11 18.13 -11.20 17.04
N TYR A 12 19.22 -11.95 16.91
CA TYR A 12 19.18 -13.26 16.26
C TYR A 12 18.32 -14.26 17.04
N SER A 13 18.27 -14.12 18.37
CA SER A 13 17.46 -15.03 19.19
C SER A 13 15.98 -14.95 18.80
N ARG A 14 15.51 -13.76 18.45
CA ARG A 14 14.13 -13.57 18.05
C ARG A 14 13.92 -13.91 16.56
N ILE A 15 14.83 -13.47 15.71
CA ILE A 15 14.73 -13.76 14.26
C ILE A 15 14.81 -15.26 13.95
N ASN A 16 15.80 -15.94 14.53
CA ASN A 16 15.96 -17.38 14.39
C ASN A 16 14.70 -18.12 14.85
N ALA A 17 14.16 -17.71 16.00
CA ALA A 17 12.91 -18.29 16.50
C ALA A 17 11.77 -18.09 15.51
N ILE A 18 11.67 -16.88 14.97
CA ILE A 18 10.61 -16.55 14.02
C ILE A 18 10.68 -17.46 12.79
N VAL A 19 11.87 -17.64 12.23
CA VAL A 19 11.98 -18.49 11.05
C VAL A 19 11.75 -19.96 11.36
N ILE A 20 12.24 -20.44 12.50
CA ILE A 20 11.97 -21.81 12.92
C ILE A 20 10.47 -22.06 13.08
N GLU A 21 9.79 -21.15 13.76
CA GLU A 21 8.33 -21.25 13.95
C GLU A 21 7.59 -21.19 12.61
N GLY A 22 8.02 -20.32 11.72
CA GLY A 22 7.38 -20.16 10.41
C GLY A 22 7.48 -21.41 9.56
N GLU A 23 8.65 -22.05 9.57
CA GLU A 23 8.86 -23.28 8.83
C GLU A 23 8.02 -24.42 9.41
N GLN A 24 7.95 -24.47 10.74
CA GLN A 24 7.15 -25.49 11.43
C GLN A 24 5.68 -25.32 11.08
N GLU A 25 5.21 -24.08 11.11
CA GLU A 25 3.82 -23.80 10.76
C GLU A 25 3.54 -24.10 9.29
N ALA A 26 4.53 -23.86 8.41
CA ALA A 26 4.37 -24.16 7.00
C ALA A 26 4.25 -25.67 6.75
N PHE A 27 5.03 -26.44 7.50
CA PHE A 27 4.94 -27.90 7.46
C PHE A 27 3.51 -28.33 7.78
N ASP A 28 2.97 -27.85 8.91
CA ASP A 28 1.61 -28.18 9.31
C ASP A 28 0.58 -27.69 8.27
N ASN A 29 0.80 -26.48 7.76
CA ASN A 29 -0.12 -25.88 6.79
C ASN A 29 -0.23 -26.69 5.49
N TYR A 30 0.91 -27.11 4.94
CA TYR A 30 0.89 -27.89 3.70
C TYR A 30 0.35 -29.30 3.92
N ASN A 31 0.63 -29.90 5.07
CA ASN A 31 -0.01 -31.17 5.41
C ASN A 31 -1.52 -31.05 5.53
N ARG A 32 -2.01 -29.93 6.07
CA ARG A 32 -3.44 -29.70 6.17
C ARG A 32 -4.04 -29.48 4.78
N LEU A 33 -3.34 -28.70 3.94
CA LEU A 33 -3.77 -28.49 2.56
C LEU A 33 -3.83 -29.80 1.77
N ALA A 34 -2.89 -30.70 2.04
CA ALA A 34 -2.88 -32.01 1.38
C ALA A 34 -4.17 -32.79 1.61
N GLU A 35 -4.72 -32.66 2.81
CA GLU A 35 -6.01 -33.29 3.15
C GLU A 35 -7.16 -32.61 2.39
N MET A 36 -7.07 -31.29 2.25
CA MET A 36 -8.14 -30.49 1.65
C MET A 36 -8.17 -30.60 0.13
N LEU A 37 -7.04 -30.98 -0.46
CA LEU A 37 -6.90 -31.07 -1.91
C LEU A 37 -6.37 -32.44 -2.35
N PRO A 38 -7.25 -33.46 -2.40
CA PRO A 38 -6.85 -34.83 -2.73
C PRO A 38 -6.10 -34.97 -4.06
N ASP A 39 -6.51 -34.20 -5.08
CA ASP A 39 -5.86 -34.24 -6.39
C ASP A 39 -4.40 -33.79 -6.37
N GLN A 40 -4.05 -32.94 -5.41
CA GLN A 40 -2.67 -32.47 -5.26
C GLN A 40 -2.03 -32.97 -3.96
N ARG A 41 -2.56 -34.05 -3.39
CA ARG A 41 -2.10 -34.54 -2.09
C ARG A 41 -0.62 -34.89 -2.07
N ASP A 42 -0.16 -35.60 -3.10
CA ASP A 42 1.24 -36.02 -3.19
C ASP A 42 2.18 -34.82 -3.29
N GLU A 43 1.82 -33.85 -4.13
CA GLU A 43 2.64 -32.66 -4.33
C GLU A 43 2.71 -31.83 -3.04
N LEU A 44 1.58 -31.69 -2.37
CA LEU A 44 1.53 -30.92 -1.12
C LEU A 44 2.31 -31.57 0.00
N HIS A 45 2.25 -32.90 0.08
CA HIS A 45 3.07 -33.62 1.05
C HIS A 45 4.56 -33.42 0.81
N LYS A 46 4.94 -33.28 -0.47
CA LYS A 46 6.34 -32.99 -0.82
C LYS A 46 6.76 -31.60 -0.38
N LEU A 47 5.86 -30.63 -0.52
CA LEU A 47 6.14 -29.26 -0.07
C LEU A 47 6.30 -29.23 1.44
N ALA A 48 5.44 -29.95 2.16
CA ALA A 48 5.52 -30.05 3.61
C ALA A 48 6.86 -30.61 4.07
N LYS A 49 7.33 -31.65 3.37
CA LYS A 49 8.62 -32.27 3.68
C LYS A 49 9.78 -31.30 3.52
N MET A 50 9.72 -30.45 2.50
CA MET A 50 10.70 -29.38 2.32
C MET A 50 10.71 -28.44 3.52
N GLU A 51 9.52 -28.09 4.03
CA GLU A 51 9.43 -27.18 5.18
C GLU A 51 10.11 -27.77 6.42
N GLN A 52 9.96 -29.07 6.61
CA GLN A 52 10.62 -29.78 7.69
C GLN A 52 12.15 -29.67 7.58
N ARG A 53 12.67 -29.82 6.35
CA ARG A 53 14.09 -29.61 6.08
C ARG A 53 14.52 -28.17 6.38
N HIS A 54 13.74 -27.19 5.95
CA HIS A 54 14.06 -25.78 6.24
C HIS A 54 14.15 -25.53 7.73
N MET A 55 13.16 -26.05 8.47
CA MET A 55 13.12 -25.87 9.93
C MET A 55 14.41 -26.38 10.57
N LYS A 56 14.81 -27.58 10.19
CA LYS A 56 16.04 -28.18 10.71
C LYS A 56 17.29 -27.39 10.35
N GLY A 57 17.32 -26.84 9.12
CA GLY A 57 18.41 -25.98 8.69
C GLY A 57 18.55 -24.72 9.53
N PHE A 58 17.43 -24.05 9.80
CA PHE A 58 17.47 -22.84 10.60
C PHE A 58 17.76 -23.10 12.08
N MET A 59 17.36 -24.27 12.57
CA MET A 59 17.74 -24.69 13.92
C MET A 59 19.26 -24.76 14.02
N ALA A 60 19.88 -25.33 12.98
CA ALA A 60 21.34 -25.41 12.90
C ALA A 60 22.04 -24.06 12.78
N CYS A 61 21.38 -23.09 12.13
CA CYS A 61 21.90 -21.73 12.04
C CYS A 61 22.02 -21.08 13.43
N GLY A 62 21.03 -21.31 14.28
CA GLY A 62 21.05 -20.81 15.66
C GLY A 62 22.15 -21.47 16.47
N LYS A 63 22.26 -22.79 16.34
CA LYS A 63 23.30 -23.58 17.01
C LYS A 63 24.69 -23.07 16.63
N ASN A 64 24.88 -22.79 15.33
CA ASN A 64 26.15 -22.29 14.79
C ASN A 64 26.61 -20.98 15.43
N LEU A 65 25.66 -20.09 15.74
CA LEU A 65 25.97 -18.80 16.35
C LEU A 65 25.87 -18.81 17.88
N SER A 66 25.69 -20.01 18.46
CA SER A 66 25.50 -20.19 19.90
C SER A 66 24.34 -19.33 20.43
N VAL A 67 23.24 -19.35 19.68
CA VAL A 67 22.04 -18.58 20.03
C VAL A 67 20.91 -19.52 20.38
N THR A 68 20.24 -19.25 21.49
CA THR A 68 19.02 -19.98 21.86
C THR A 68 17.81 -19.19 21.37
N PRO A 69 16.99 -19.82 20.50
CA PRO A 69 15.86 -19.07 19.94
C PRO A 69 14.76 -18.79 20.97
N ASP A 70 14.20 -17.59 20.93
CA ASP A 70 13.10 -17.20 21.80
C ASP A 70 11.78 -17.66 21.20
N MET A 71 11.43 -18.92 21.44
CA MET A 71 10.26 -19.52 20.78
C MET A 71 8.94 -18.91 21.23
N GLY A 72 8.86 -18.49 22.49
CA GLY A 72 7.67 -17.79 22.99
C GLY A 72 7.37 -16.52 22.20
N PHE A 73 8.42 -15.78 21.86
CA PHE A 73 8.28 -14.58 21.05
C PHE A 73 7.73 -14.93 19.67
N ALA A 74 8.27 -16.01 19.09
CA ALA A 74 7.89 -16.44 17.75
C ALA A 74 6.46 -16.97 17.67
N GLN A 75 6.04 -17.71 18.69
CA GLN A 75 4.66 -18.19 18.78
C GLN A 75 3.69 -17.03 18.72
N LYS A 76 3.98 -16.01 19.52
CA LYS A 76 3.11 -14.84 19.60
C LYS A 76 3.11 -14.05 18.30
N PHE A 77 4.27 -14.00 17.64
CA PHE A 77 4.46 -13.31 16.36
C PHE A 77 3.54 -13.87 15.28
N PHE A 78 3.42 -15.18 15.22
CA PHE A 78 2.61 -15.86 14.20
C PHE A 78 1.14 -16.10 14.58
N GLU A 79 0.81 -15.94 15.85
CA GLU A 79 -0.44 -16.46 16.40
C GLU A 79 -1.73 -16.06 15.66
N ARG A 80 -1.90 -14.78 15.40
CA ARG A 80 -3.11 -14.27 14.75
C ARG A 80 -3.26 -14.85 13.34
N LEU A 81 -2.17 -14.84 12.57
CA LEU A 81 -2.19 -15.39 11.22
C LEU A 81 -2.41 -16.91 11.22
N HIS A 82 -1.72 -17.59 12.14
CA HIS A 82 -1.84 -19.04 12.32
C HIS A 82 -3.27 -19.43 12.67
N GLU A 83 -3.88 -18.72 13.62
CA GLU A 83 -5.25 -19.07 13.99
C GLU A 83 -6.25 -18.81 12.86
N ASN A 84 -5.99 -17.80 12.04
CA ASN A 84 -6.81 -17.57 10.85
C ASN A 84 -6.69 -18.72 9.86
N PHE A 85 -5.48 -19.24 9.67
CA PHE A 85 -5.32 -20.41 8.82
C PHE A 85 -6.13 -21.59 9.38
N LYS A 86 -6.01 -21.81 10.69
CA LYS A 86 -6.66 -22.94 11.33
C LYS A 86 -8.19 -22.88 11.22
N ALA A 87 -8.74 -21.68 11.40
CA ALA A 87 -10.18 -21.46 11.26
C ALA A 87 -10.62 -21.73 9.83
N ALA A 88 -9.88 -21.21 8.86
CA ALA A 88 -10.20 -21.44 7.46
C ALA A 88 -10.18 -22.92 7.11
N ALA A 89 -9.18 -23.65 7.62
CA ALA A 89 -9.08 -25.09 7.36
C ALA A 89 -10.27 -25.84 7.95
N ALA A 90 -10.68 -25.44 9.16
CA ALA A 90 -11.86 -26.04 9.80
C ALA A 90 -13.15 -25.81 9.01
N GLU A 91 -13.20 -24.68 8.31
CA GLU A 91 -14.35 -24.29 7.49
C GLU A 91 -14.30 -24.85 6.08
N GLY A 92 -13.21 -25.56 5.76
CA GLY A 92 -13.02 -26.14 4.44
C GLY A 92 -12.66 -25.09 3.39
N LYS A 93 -12.21 -23.94 3.86
CA LYS A 93 -11.88 -22.81 2.98
C LYS A 93 -10.46 -22.91 2.43
N VAL A 94 -10.31 -23.79 1.43
CA VAL A 94 -9.01 -24.10 0.83
C VAL A 94 -8.37 -22.87 0.18
N VAL A 95 -9.18 -22.02 -0.45
CA VAL A 95 -8.66 -20.81 -1.08
C VAL A 95 -7.97 -19.89 -0.06
N THR A 96 -8.60 -19.69 1.08
CA THR A 96 -8.05 -18.84 2.13
C THR A 96 -6.74 -19.44 2.65
N CYS A 97 -6.74 -20.75 2.88
CA CYS A 97 -5.54 -21.44 3.33
C CYS A 97 -4.40 -21.31 2.34
N LEU A 98 -4.70 -21.50 1.06
CA LEU A 98 -3.69 -21.33 0.00
C LEU A 98 -3.15 -19.92 -0.07
N LEU A 99 -4.03 -18.92 0.02
CA LEU A 99 -3.56 -17.54 -0.02
C LEU A 99 -2.63 -17.23 1.15
N ILE A 100 -3.03 -17.66 2.35
CA ILE A 100 -2.24 -17.36 3.54
C ILE A 100 -0.85 -17.98 3.46
N GLN A 101 -0.76 -19.28 3.21
CA GLN A 101 0.53 -19.89 3.18
C GLN A 101 1.33 -19.74 1.87
N SER A 102 0.69 -20.06 0.77
CA SER A 102 1.45 -20.18 -0.47
C SER A 102 1.85 -18.82 -1.06
N LEU A 103 0.94 -17.85 -0.96
CA LEU A 103 1.24 -16.54 -1.44
C LEU A 103 1.72 -15.45 -0.47
N ILE A 104 0.95 -15.23 0.57
CA ILE A 104 1.28 -14.17 1.52
C ILE A 104 2.57 -14.55 2.24
N ILE A 105 2.55 -15.70 2.92
CA ILE A 105 3.71 -16.11 3.71
C ILE A 105 4.94 -16.42 2.85
N GLU A 106 4.78 -17.16 1.76
CA GLU A 106 5.94 -17.45 0.92
C GLU A 106 6.54 -16.18 0.32
N CYS A 107 5.69 -15.21 -0.06
CA CYS A 107 6.21 -13.94 -0.60
C CYS A 107 6.97 -13.12 0.45
N PHE A 108 6.47 -13.15 1.68
CA PHE A 108 7.14 -12.48 2.80
C PHE A 108 8.50 -13.14 3.02
N ALA A 109 8.53 -14.47 2.99
CA ALA A 109 9.76 -15.22 3.21
C ALA A 109 10.77 -15.04 2.08
N ILE A 110 10.29 -15.06 0.84
CA ILE A 110 11.18 -14.83 -0.31
C ILE A 110 11.84 -13.45 -0.21
N ALA A 111 11.02 -12.44 0.07
CA ALA A 111 11.55 -11.08 0.20
C ALA A 111 12.57 -10.98 1.33
N ALA A 112 12.23 -11.52 2.50
CA ALA A 112 13.11 -11.41 3.66
C ALA A 112 14.37 -12.26 3.52
N TYR A 113 14.23 -13.50 3.05
CA TYR A 113 15.38 -14.39 2.98
C TYR A 113 16.40 -13.88 1.96
N ASN A 114 15.93 -13.33 0.84
CA ASN A 114 16.84 -12.78 -0.16
C ASN A 114 17.59 -11.55 0.33
N ILE A 115 16.98 -10.81 1.26
CA ILE A 115 17.63 -9.64 1.87
C ILE A 115 18.65 -10.09 2.93
N TYR A 116 18.38 -11.20 3.59
CA TYR A 116 19.30 -11.79 4.57
C TYR A 116 20.56 -12.35 3.92
N ILE A 117 20.41 -13.00 2.78
CA ILE A 117 21.52 -13.72 2.14
C ILE A 117 22.83 -12.90 2.06
N PRO A 118 22.79 -11.66 1.53
CA PRO A 118 24.06 -10.93 1.43
C PRO A 118 24.67 -10.42 2.74
N VAL A 119 23.92 -10.48 3.85
CA VAL A 119 24.44 -10.05 5.15
C VAL A 119 24.61 -11.21 6.14
N ALA A 120 24.25 -12.41 5.72
CA ALA A 120 24.30 -13.61 6.56
C ALA A 120 25.73 -14.12 6.75
N ASP A 121 25.98 -14.74 7.90
CA ASP A 121 27.23 -15.49 8.09
C ASP A 121 27.30 -16.61 7.06
N ALA A 122 28.51 -17.08 6.75
CA ALA A 122 28.72 -18.04 5.67
C ALA A 122 27.92 -19.34 5.77
N PHE A 123 27.79 -19.87 6.99
CA PHE A 123 27.02 -21.08 7.24
C PHE A 123 25.55 -20.83 6.95
N ALA A 124 24.99 -19.78 7.55
CA ALA A 124 23.57 -19.46 7.39
C ALA A 124 23.25 -19.04 5.96
N ARG A 125 24.20 -18.40 5.29
CA ARG A 125 24.01 -18.02 3.88
C ARG A 125 23.73 -19.21 2.98
N LYS A 126 24.56 -20.25 3.10
CA LYS A 126 24.41 -21.44 2.26
C LYS A 126 23.07 -22.14 2.54
N ILE A 127 22.70 -22.22 3.81
CA ILE A 127 21.41 -22.81 4.19
C ILE A 127 20.28 -22.00 3.59
N THR A 128 20.32 -20.68 3.77
CA THR A 128 19.24 -19.81 3.28
C THR A 128 19.15 -19.85 1.75
N GLU A 129 20.28 -19.91 1.07
CA GLU A 129 20.28 -20.05 -0.39
C GLU A 129 19.46 -21.26 -0.84
N GLY A 130 19.63 -22.40 -0.16
CA GLY A 130 18.90 -23.63 -0.47
C GLY A 130 17.43 -23.55 -0.13
N VAL A 131 17.12 -22.86 0.97
CA VAL A 131 15.73 -22.68 1.39
C VAL A 131 14.94 -21.82 0.40
N VAL A 132 15.50 -20.69 -0.01
CA VAL A 132 14.76 -19.76 -0.87
C VAL A 132 14.43 -20.39 -2.22
N ARG A 133 15.30 -21.21 -2.70
CA ARG A 133 14.90 -21.80 -3.90
C ARG A 133 13.70 -22.74 -3.84
N ASP A 134 13.49 -23.43 -2.71
CA ASP A 134 12.25 -24.17 -2.50
C ASP A 134 11.07 -23.23 -2.39
N GLU A 135 11.29 -22.05 -1.80
CA GLU A 135 10.20 -21.08 -1.62
C GLU A 135 9.61 -20.64 -2.95
N TYR A 136 10.44 -20.52 -3.98
CA TYR A 136 9.94 -20.21 -5.32
C TYR A 136 8.96 -21.27 -5.79
N LEU A 137 9.30 -22.54 -5.56
CA LEU A 137 8.42 -23.66 -5.91
C LEU A 137 7.09 -23.60 -5.15
N HIS A 138 7.14 -23.21 -3.88
CA HIS A 138 5.95 -23.15 -3.05
C HIS A 138 5.00 -22.06 -3.54
N ARG A 139 5.54 -20.87 -3.75
CA ARG A 139 4.76 -19.76 -4.30
C ARG A 139 4.22 -20.15 -5.68
N ASN A 140 5.06 -20.75 -6.52
CA ASN A 140 4.63 -21.17 -7.84
C ASN A 140 3.47 -22.16 -7.81
N PHE A 141 3.49 -23.08 -6.84
CA PHE A 141 2.38 -24.01 -6.67
C PHE A 141 1.06 -23.27 -6.42
N GLY A 142 1.09 -22.33 -5.48
CA GLY A 142 -0.10 -21.56 -5.13
C GLY A 142 -0.61 -20.72 -6.28
N GLU A 143 0.32 -20.06 -6.99
CA GLU A 143 -0.05 -19.26 -8.15
C GLU A 143 -0.69 -20.10 -9.26
N GLU A 144 -0.11 -21.27 -9.53
CA GLU A 144 -0.64 -22.13 -10.58
C GLU A 144 -2.06 -22.57 -10.26
N TRP A 145 -2.29 -22.98 -9.00
CA TRP A 145 -3.60 -23.46 -8.59
C TRP A 145 -4.65 -22.33 -8.62
N LEU A 146 -4.32 -21.21 -8.01
CA LEU A 146 -5.26 -20.09 -7.96
C LEU A 146 -5.55 -19.51 -9.35
N LYS A 147 -4.54 -19.43 -10.21
CA LYS A 147 -4.74 -18.98 -11.59
C LYS A 147 -5.70 -19.93 -12.33
N ALA A 148 -5.44 -21.23 -12.21
CA ALA A 148 -6.28 -22.23 -12.89
C ALA A 148 -7.72 -22.23 -12.37
N ASN A 149 -7.90 -21.82 -11.12
CA ASN A 149 -9.22 -21.81 -10.49
C ASN A 149 -9.67 -20.40 -10.12
N PHE A 150 -9.22 -19.43 -10.90
CA PHE A 150 -9.41 -18.02 -10.53
C PHE A 150 -10.86 -17.58 -10.36
N ASP A 151 -11.72 -17.88 -11.33
CA ASP A 151 -13.10 -17.43 -11.27
C ASP A 151 -13.83 -17.92 -10.01
N ALA A 152 -13.65 -19.20 -9.69
CA ALA A 152 -14.28 -19.79 -8.50
C ALA A 152 -13.68 -19.29 -7.18
N SER A 153 -12.43 -18.83 -7.25
CA SER A 153 -11.67 -18.48 -6.05
C SER A 153 -11.65 -16.99 -5.73
N LYS A 154 -12.03 -16.16 -6.69
CA LYS A 154 -11.75 -14.72 -6.63
C LYS A 154 -12.36 -13.99 -5.43
N ALA A 155 -13.64 -14.22 -5.17
CA ALA A 155 -14.33 -13.51 -4.08
C ALA A 155 -13.71 -13.84 -2.73
N GLU A 156 -13.41 -15.12 -2.52
CA GLU A 156 -12.79 -15.57 -1.29
C GLU A 156 -11.36 -15.05 -1.17
N LEU A 157 -10.64 -14.99 -2.30
CA LEU A 157 -9.29 -14.42 -2.28
C LEU A 157 -9.31 -12.98 -1.78
N GLU A 158 -10.28 -12.21 -2.24
CA GLU A 158 -10.41 -10.83 -1.82
C GLU A 158 -10.71 -10.73 -0.33
N GLU A 159 -11.62 -11.57 0.16
CA GLU A 159 -11.95 -11.59 1.58
C GLU A 159 -10.75 -12.01 2.42
N ALA A 160 -10.08 -13.08 1.99
CA ALA A 160 -8.92 -13.59 2.70
C ALA A 160 -7.77 -12.58 2.75
N ASN A 161 -7.55 -11.88 1.64
CA ASN A 161 -6.52 -10.85 1.60
C ASN A 161 -6.82 -9.74 2.59
N ARG A 162 -8.06 -9.27 2.60
CA ARG A 162 -8.46 -8.14 3.45
C ARG A 162 -8.24 -8.48 4.92
N GLN A 163 -8.51 -9.73 5.28
CA GLN A 163 -8.34 -10.15 6.68
C GLN A 163 -6.89 -10.44 7.07
N ASN A 164 -6.10 -10.95 6.13
CA ASN A 164 -4.79 -11.49 6.49
C ASN A 164 -3.58 -10.70 6.07
N LEU A 165 -3.69 -9.93 5.00
CA LEU A 165 -2.56 -9.11 4.59
C LEU A 165 -2.16 -8.09 5.67
N PRO A 166 -3.13 -7.43 6.35
CA PRO A 166 -2.73 -6.54 7.44
C PRO A 166 -1.91 -7.24 8.52
N LEU A 167 -2.17 -8.53 8.75
CA LEU A 167 -1.43 -9.28 9.78
C LEU A 167 0.03 -9.43 9.43
N VAL A 168 0.34 -9.59 8.15
CA VAL A 168 1.73 -9.75 7.74
C VAL A 168 2.45 -8.41 7.73
N TRP A 169 1.71 -7.35 7.41
CA TRP A 169 2.25 -6.02 7.53
C TRP A 169 2.58 -5.66 8.99
N LEU A 170 1.76 -6.12 9.91
CA LEU A 170 2.07 -5.93 11.32
C LEU A 170 3.28 -6.73 11.73
N MET A 171 3.39 -7.91 11.20
CA MET A 171 4.57 -8.75 11.43
C MET A 171 5.83 -8.08 10.89
N LEU A 172 5.75 -7.54 9.67
CA LEU A 172 6.87 -6.81 9.07
C LEU A 172 7.33 -5.66 9.98
N ASN A 173 6.38 -4.89 10.50
CA ASN A 173 6.72 -3.79 11.43
C ASN A 173 7.33 -4.26 12.74
N GLU A 174 6.82 -5.38 13.27
CA GLU A 174 7.30 -5.93 14.54
C GLU A 174 8.72 -6.45 14.45
N VAL A 175 9.11 -6.94 13.26
CA VAL A 175 10.42 -7.55 13.08
C VAL A 175 11.49 -6.55 12.62
N ALA A 176 11.05 -5.35 12.20
CA ALA A 176 11.93 -4.37 11.56
C ALA A 176 13.22 -4.01 12.31
N ASP A 177 13.13 -3.75 13.61
CA ASP A 177 14.29 -3.34 14.39
C ASP A 177 15.32 -4.46 14.58
N ASP A 178 14.84 -5.67 14.87
CA ASP A 178 15.74 -6.83 14.97
C ASP A 178 16.37 -7.14 13.61
N ALA A 179 15.59 -7.01 12.54
CA ALA A 179 16.11 -7.24 11.20
C ALA A 179 17.21 -6.24 10.87
N ARG A 180 17.02 -4.98 11.27
CA ARG A 180 18.02 -3.94 11.07
C ARG A 180 19.33 -4.26 11.76
N GLU A 181 19.25 -4.84 12.96
CA GLU A 181 20.43 -5.25 13.68
C GLU A 181 21.21 -6.32 12.91
N LEU A 182 20.49 -7.14 12.15
CA LEU A 182 21.11 -8.19 11.33
C LEU A 182 21.59 -7.66 9.97
N GLY A 183 21.39 -6.37 9.73
CA GLY A 183 21.84 -5.72 8.49
C GLY A 183 20.80 -5.70 7.40
N MET A 184 19.55 -5.96 7.76
CA MET A 184 18.45 -6.00 6.79
C MET A 184 17.59 -4.75 6.87
N GLU A 185 17.63 -3.93 5.84
CA GLU A 185 16.93 -2.65 5.87
C GLU A 185 15.43 -2.78 5.62
N ARG A 186 14.65 -2.12 6.48
CA ARG A 186 13.20 -2.14 6.43
C ARG A 186 12.66 -1.68 5.07
N GLU A 187 13.26 -0.62 4.52
CA GLU A 187 12.82 -0.09 3.22
C GLU A 187 12.88 -1.16 2.13
N SER A 188 13.94 -1.96 2.14
CA SER A 188 14.10 -3.04 1.18
C SER A 188 13.06 -4.13 1.40
N LEU A 189 12.81 -4.48 2.67
CA LEU A 189 11.84 -5.52 3.00
C LEU A 189 10.43 -5.15 2.55
N VAL A 190 10.05 -3.90 2.82
CA VAL A 190 8.73 -3.39 2.43
C VAL A 190 8.56 -3.38 0.91
N GLU A 191 9.53 -2.79 0.19
CA GLU A 191 9.48 -2.71 -1.26
C GLU A 191 9.40 -4.09 -1.87
N ASP A 192 10.31 -4.96 -1.43
CA ASP A 192 10.41 -6.28 -2.02
C ASP A 192 9.18 -7.13 -1.76
N PHE A 193 8.59 -7.02 -0.57
CA PHE A 193 7.36 -7.75 -0.28
C PHE A 193 6.19 -7.20 -1.11
N MET A 194 6.04 -5.89 -1.16
CA MET A 194 4.96 -5.29 -1.94
C MET A 194 5.05 -5.65 -3.42
N ILE A 195 6.27 -5.61 -3.97
CA ILE A 195 6.49 -6.00 -5.35
C ILE A 195 6.15 -7.47 -5.59
N ALA A 196 6.67 -8.34 -4.72
CA ALA A 196 6.48 -9.78 -4.88
C ALA A 196 5.01 -10.16 -4.81
N TYR A 197 4.32 -9.65 -3.79
CA TYR A 197 2.91 -9.96 -3.62
C TYR A 197 2.07 -9.35 -4.74
N GLY A 198 2.36 -8.10 -5.11
CA GLY A 198 1.63 -7.45 -6.19
C GLY A 198 1.78 -8.18 -7.51
N GLU A 199 2.99 -8.66 -7.78
CA GLU A 199 3.23 -9.42 -9.01
C GLU A 199 2.52 -10.77 -8.98
N ALA A 200 2.48 -11.40 -7.81
CA ALA A 200 1.78 -12.68 -7.67
C ALA A 200 0.29 -12.47 -7.95
N LEU A 201 -0.28 -11.39 -7.41
CA LEU A 201 -1.70 -11.12 -7.63
C LEU A 201 -1.99 -10.83 -9.11
N GLU A 202 -1.10 -10.11 -9.78
CA GLU A 202 -1.27 -9.87 -11.22
C GLU A 202 -1.21 -11.17 -12.00
N ASN A 203 -0.26 -12.03 -11.63
CA ASN A 203 -0.08 -13.31 -12.31
C ASN A 203 -1.27 -14.24 -12.19
N ILE A 204 -2.00 -14.18 -11.07
CA ILE A 204 -3.17 -15.04 -10.92
C ILE A 204 -4.42 -14.48 -11.58
N GLY A 205 -4.47 -13.16 -11.81
CA GLY A 205 -5.56 -12.58 -12.60
C GLY A 205 -6.13 -11.23 -12.19
N PHE A 206 -5.59 -10.62 -11.14
CA PHE A 206 -6.13 -9.34 -10.66
C PHE A 206 -5.73 -8.15 -11.53
N THR A 207 -6.63 -7.18 -11.65
CA THR A 207 -6.38 -5.95 -12.42
C THR A 207 -5.56 -4.97 -11.61
N THR A 208 -5.10 -3.89 -12.24
CA THR A 208 -4.35 -2.86 -11.54
C THR A 208 -5.13 -2.27 -10.36
N ARG A 209 -6.38 -1.87 -10.60
CA ARG A 209 -7.17 -1.31 -9.51
C ARG A 209 -7.36 -2.32 -8.39
N GLU A 210 -7.57 -3.59 -8.74
CA GLU A 210 -7.72 -4.64 -7.73
C GLU A 210 -6.43 -4.86 -6.95
N ILE A 211 -5.29 -4.81 -7.62
CA ILE A 211 -4.00 -5.00 -6.93
C ILE A 211 -3.75 -3.84 -5.97
N MET A 212 -4.08 -2.63 -6.38
CA MET A 212 -3.91 -1.48 -5.51
C MET A 212 -4.80 -1.59 -4.28
N ARG A 213 -6.06 -1.96 -4.50
CA ARG A 213 -6.99 -2.09 -3.39
C ARG A 213 -6.53 -3.16 -2.41
N MET A 214 -6.10 -4.30 -2.96
CA MET A 214 -5.69 -5.42 -2.14
C MET A 214 -4.42 -5.09 -1.36
N SER A 215 -3.47 -4.45 -2.02
CA SER A 215 -2.22 -4.06 -1.38
C SER A 215 -2.45 -2.99 -0.31
N ALA A 216 -3.40 -2.09 -0.55
CA ALA A 216 -3.67 -1.01 0.38
C ALA A 216 -4.21 -1.48 1.75
N TYR A 217 -4.93 -2.61 1.79
CA TYR A 217 -5.38 -3.17 3.07
C TYR A 217 -4.20 -3.47 3.99
N GLY A 218 -3.10 -3.94 3.39
CA GLY A 218 -1.86 -4.16 4.12
C GLY A 218 -1.17 -2.88 4.56
N LEU A 219 -0.88 -2.00 3.59
CA LEU A 219 -0.15 -0.77 3.83
C LEU A 219 -0.84 0.14 4.85
N ALA A 220 -2.18 0.20 4.78
CA ALA A 220 -2.97 1.06 5.66
C ALA A 220 -3.02 0.57 7.12
N ALA A 221 -2.62 -0.68 7.35
CA ALA A 221 -2.68 -1.29 8.68
C ALA A 221 -1.68 -0.70 9.67
N VAL A 222 -0.52 -0.33 9.17
CA VAL A 222 0.51 0.30 9.97
C VAL A 222 -0.15 1.53 10.57
N LEU B 1 -24.51 10.38 12.09
CA LEU B 1 -23.76 11.51 12.71
C LEU B 1 -24.69 12.68 13.05
N ASP B 2 -24.28 13.49 14.01
CA ASP B 2 -25.00 14.71 14.36
C ASP B 2 -24.32 15.91 13.71
N PHE B 3 -24.84 16.34 12.57
CA PHE B 3 -24.25 17.45 11.81
C PHE B 3 -24.33 18.79 12.53
N GLN B 4 -25.10 18.84 13.63
CA GLN B 4 -25.29 20.06 14.40
C GLN B 4 -24.41 20.13 15.65
N SER B 5 -23.79 19.01 16.02
CA SER B 5 -22.92 18.96 17.20
C SER B 5 -21.72 19.87 17.02
N GLU B 6 -21.21 20.40 18.11
CA GLU B 6 -20.07 21.31 18.05
C GLU B 6 -18.79 20.60 17.60
N SER B 7 -18.67 19.31 17.95
CA SER B 7 -17.53 18.51 17.52
C SER B 7 -17.53 18.26 16.02
N TYR B 8 -18.70 17.94 15.45
CA TYR B 8 -18.82 17.77 14.00
C TYR B 8 -18.50 19.06 13.26
N LYS B 9 -19.08 20.16 13.72
CA LYS B 9 -18.89 21.46 13.08
C LYS B 9 -17.44 21.95 13.18
N ASP B 10 -16.80 21.68 14.31
CA ASP B 10 -15.38 22.03 14.49
C ASP B 10 -14.49 21.31 13.48
N ALA B 11 -14.71 20.00 13.33
CA ALA B 11 -13.93 19.22 12.37
C ALA B 11 -14.27 19.63 10.94
N TYR B 12 -15.55 19.90 10.70
CA TYR B 12 -15.99 20.34 9.38
C TYR B 12 -15.33 21.64 8.97
N SER B 13 -15.08 22.52 9.93
CA SER B 13 -14.47 23.81 9.61
C SER B 13 -13.12 23.65 8.92
N ARG B 14 -12.37 22.63 9.33
CA ARG B 14 -11.05 22.37 8.76
C ARG B 14 -11.13 21.51 7.49
N ILE B 15 -11.96 20.47 7.50
CA ILE B 15 -12.11 19.59 6.32
C ILE B 15 -12.72 20.35 5.14
N ASN B 16 -13.79 21.10 5.40
CA ASN B 16 -14.39 21.97 4.40
C ASN B 16 -13.38 22.96 3.84
N ALA B 17 -12.56 23.55 4.72
CA ALA B 17 -11.53 24.51 4.30
C ALA B 17 -10.52 23.85 3.37
N ILE B 18 -10.14 22.62 3.70
CA ILE B 18 -9.18 21.87 2.89
C ILE B 18 -9.68 21.66 1.46
N VAL B 19 -10.95 21.33 1.32
CA VAL B 19 -11.46 21.09 0.00
C VAL B 19 -11.54 22.37 -0.79
N ILE B 20 -12.00 23.40 -0.13
CA ILE B 20 -12.07 24.72 -0.75
C ILE B 20 -10.70 25.23 -1.21
N GLU B 21 -9.72 25.15 -0.33
CA GLU B 21 -8.35 25.59 -0.62
C GLU B 21 -7.70 24.77 -1.72
N GLY B 22 -7.94 23.46 -1.71
CA GLY B 22 -7.46 22.55 -2.73
C GLY B 22 -7.96 22.96 -4.10
N GLU B 23 -9.23 23.32 -4.17
CA GLU B 23 -9.82 23.78 -5.43
C GLU B 23 -9.27 25.13 -5.89
N GLN B 24 -9.06 26.04 -4.94
CA GLN B 24 -8.47 27.35 -5.27
C GLN B 24 -7.05 27.17 -5.82
N GLU B 25 -6.30 26.26 -5.22
CA GLU B 25 -4.94 26.00 -5.66
C GLU B 25 -4.89 25.23 -6.98
N ALA B 26 -5.87 24.36 -7.22
CA ALA B 26 -6.03 23.71 -8.53
C ALA B 26 -6.30 24.74 -9.63
N PHE B 27 -7.17 25.71 -9.34
CA PHE B 27 -7.42 26.86 -10.21
C PHE B 27 -6.11 27.58 -10.54
N ASP B 28 -5.34 27.92 -9.51
CA ASP B 28 -4.05 28.59 -9.70
C ASP B 28 -3.07 27.73 -10.50
N ASN B 29 -2.99 26.45 -10.16
CA ASN B 29 -2.08 25.53 -10.85
C ASN B 29 -2.39 25.36 -12.33
N TYR B 30 -3.67 25.24 -12.66
CA TYR B 30 -4.06 25.08 -14.07
C TYR B 30 -3.78 26.35 -14.88
N ASN B 31 -4.02 27.51 -14.28
CA ASN B 31 -3.67 28.78 -14.91
C ASN B 31 -2.16 28.92 -15.14
N ARG B 32 -1.36 28.44 -14.19
CA ARG B 32 0.09 28.45 -14.35
C ARG B 32 0.53 27.49 -15.46
N LEU B 33 -0.09 26.32 -15.50
CA LEU B 33 0.21 25.34 -16.55
C LEU B 33 -0.15 25.85 -17.93
N ALA B 34 -1.21 26.66 -18.01
CA ALA B 34 -1.59 27.30 -19.27
C ALA B 34 -0.50 28.22 -19.81
N GLU B 35 0.28 28.81 -18.89
CA GLU B 35 1.44 29.61 -19.27
C GLU B 35 2.59 28.73 -19.76
N MET B 36 2.77 27.59 -19.10
CA MET B 36 3.87 26.67 -19.41
C MET B 36 3.62 25.88 -20.69
N LEU B 37 2.34 25.61 -20.96
CA LEU B 37 1.96 24.90 -22.18
C LEU B 37 0.97 25.74 -22.99
N PRO B 38 1.48 26.79 -23.66
CA PRO B 38 0.62 27.79 -24.30
C PRO B 38 -0.27 27.24 -25.41
N ASP B 39 0.18 26.19 -26.10
CA ASP B 39 -0.60 25.55 -27.16
C ASP B 39 -1.85 24.86 -26.63
N GLN B 40 -1.84 24.58 -25.32
CA GLN B 40 -2.96 23.90 -24.65
C GLN B 40 -3.66 24.81 -23.64
N ARG B 41 -3.50 26.12 -23.79
CA ARG B 41 -4.04 27.08 -22.81
C ARG B 41 -5.56 27.05 -22.68
N ASP B 42 -6.26 26.79 -23.79
CA ASP B 42 -7.73 26.77 -23.78
C ASP B 42 -8.29 25.64 -22.90
N GLU B 43 -7.77 24.43 -23.07
CA GLU B 43 -8.21 23.29 -22.25
C GLU B 43 -7.82 23.50 -20.78
N LEU B 44 -6.61 24.01 -20.56
CA LEU B 44 -6.11 24.23 -19.21
C LEU B 44 -6.88 25.33 -18.48
N HIS B 45 -7.20 26.42 -19.18
CA HIS B 45 -8.05 27.46 -18.60
C HIS B 45 -9.45 26.93 -18.27
N LYS B 46 -9.98 26.06 -19.12
CA LYS B 46 -11.28 25.43 -18.87
C LYS B 46 -11.27 24.57 -17.60
N LEU B 47 -10.19 23.82 -17.41
CA LEU B 47 -10.03 23.03 -16.18
C LEU B 47 -9.91 23.93 -14.96
N ALA B 48 -9.18 25.03 -15.09
CA ALA B 48 -9.05 25.99 -13.99
C ALA B 48 -10.42 26.52 -13.57
N LYS B 49 -11.22 26.92 -14.56
CA LYS B 49 -12.56 27.45 -14.30
C LYS B 49 -13.48 26.42 -13.65
N MET B 50 -13.37 25.16 -14.07
CA MET B 50 -14.16 24.09 -13.48
C MET B 50 -13.87 23.93 -11.99
N GLU B 51 -12.59 23.94 -11.63
CA GLU B 51 -12.22 23.81 -10.23
C GLU B 51 -12.65 25.03 -9.42
N GLN B 52 -12.61 26.21 -10.04
CA GLN B 52 -13.15 27.41 -9.41
C GLN B 52 -14.64 27.26 -9.08
N ARG B 53 -15.39 26.66 -10.00
CA ARG B 53 -16.82 26.37 -9.77
C ARG B 53 -17.04 25.40 -8.63
N HIS B 54 -16.18 24.40 -8.54
CA HIS B 54 -16.29 23.40 -7.48
C HIS B 54 -16.01 24.02 -6.12
N MET B 55 -15.02 24.90 -6.08
CA MET B 55 -14.69 25.66 -4.88
C MET B 55 -15.94 26.34 -4.31
N LYS B 56 -16.69 26.99 -5.18
CA LYS B 56 -17.92 27.69 -4.78
C LYS B 56 -19.01 26.75 -4.24
N GLY B 57 -19.13 25.57 -4.83
CA GLY B 57 -20.07 24.56 -4.31
C GLY B 57 -19.69 24.08 -2.91
N PHE B 58 -18.39 23.94 -2.68
CA PHE B 58 -17.92 23.49 -1.38
C PHE B 58 -18.07 24.57 -0.31
N MET B 59 -17.93 25.84 -0.71
CA MET B 59 -18.25 26.95 0.16
C MET B 59 -19.72 26.87 0.61
N ALA B 60 -20.60 26.51 -0.32
CA ALA B 60 -22.02 26.32 -0.02
C ALA B 60 -22.28 25.22 1.01
N CYS B 61 -21.44 24.18 0.99
CA CYS B 61 -21.56 23.09 1.96
C CYS B 61 -21.33 23.55 3.41
N GLY B 62 -20.33 24.42 3.59
CA GLY B 62 -20.02 24.97 4.89
C GLY B 62 -21.16 25.84 5.39
N LYS B 63 -21.67 26.69 4.50
CA LYS B 63 -22.78 27.59 4.83
C LYS B 63 -24.03 26.79 5.24
N ASN B 64 -24.28 25.70 4.52
CA ASN B 64 -25.41 24.82 4.80
C ASN B 64 -25.41 24.29 6.24
N LEU B 65 -24.20 24.09 6.79
CA LEU B 65 -24.06 23.59 8.16
C LEU B 65 -23.73 24.68 9.18
N SER B 66 -23.77 25.93 8.73
CA SER B 66 -23.47 27.09 9.57
C SER B 66 -22.04 27.02 10.12
N VAL B 67 -21.12 26.59 9.26
CA VAL B 67 -19.73 26.40 9.63
C VAL B 67 -18.87 27.40 8.86
N THR B 68 -18.01 28.11 9.58
CA THR B 68 -17.02 28.99 8.96
C THR B 68 -15.72 28.22 8.72
N PRO B 69 -15.29 28.12 7.45
CA PRO B 69 -14.07 27.34 7.16
C PRO B 69 -12.79 28.01 7.67
N ASP B 70 -11.90 27.21 8.24
CA ASP B 70 -10.61 27.68 8.70
C ASP B 70 -9.62 27.67 7.53
N MET B 71 -9.61 28.75 6.76
CA MET B 71 -8.80 28.81 5.53
C MET B 71 -7.30 28.91 5.80
N GLY B 72 -6.94 29.47 6.95
CA GLY B 72 -5.53 29.54 7.35
C GLY B 72 -4.95 28.15 7.57
N PHE B 73 -5.73 27.30 8.24
CA PHE B 73 -5.34 25.91 8.47
C PHE B 73 -5.15 25.18 7.14
N ALA B 74 -6.10 25.38 6.23
CA ALA B 74 -6.07 24.70 4.93
C ALA B 74 -4.88 25.15 4.08
N GLN B 75 -4.56 26.43 4.14
CA GLN B 75 -3.40 26.93 3.40
C GLN B 75 -2.11 26.28 3.90
N LYS B 76 -1.96 26.18 5.22
CA LYS B 76 -0.78 25.54 5.80
C LYS B 76 -0.74 24.04 5.45
N PHE B 77 -1.91 23.42 5.35
CA PHE B 77 -2.05 22.00 5.02
C PHE B 77 -1.46 21.64 3.65
N PHE B 78 -1.69 22.52 2.66
CA PHE B 78 -1.18 22.31 1.30
C PHE B 78 0.18 22.95 1.03
N GLU B 79 0.73 23.66 2.00
CA GLU B 79 1.86 24.55 1.73
C GLU B 79 3.10 23.91 1.10
N ARG B 80 3.53 22.76 1.62
CA ARG B 80 4.72 22.09 1.06
C ARG B 80 4.50 21.67 -0.40
N LEU B 81 3.34 21.13 -0.72
CA LEU B 81 3.10 20.78 -2.08
C LEU B 81 3.02 22.00 -2.98
N HIS B 82 2.36 23.06 -2.48
CA HIS B 82 2.28 24.33 -3.19
C HIS B 82 3.67 24.89 -3.50
N GLU B 83 4.54 24.87 -2.50
CA GLU B 83 5.93 25.30 -2.66
C GLU B 83 6.64 24.50 -3.74
N ASN B 84 6.45 23.19 -3.72
CA ASN B 84 7.09 22.33 -4.69
C ASN B 84 6.58 22.57 -6.11
N PHE B 85 5.28 22.84 -6.25
CA PHE B 85 4.70 23.17 -7.56
C PHE B 85 5.32 24.46 -8.08
N LYS B 86 5.38 25.47 -7.21
CA LYS B 86 5.93 26.77 -7.56
C LYS B 86 7.39 26.69 -7.97
N ALA B 87 8.18 25.92 -7.22
CA ALA B 87 9.60 25.74 -7.52
C ALA B 87 9.79 25.09 -8.89
N ALA B 88 8.98 24.06 -9.15
CA ALA B 88 9.03 23.37 -10.43
C ALA B 88 8.63 24.27 -11.59
N ALA B 89 7.57 25.05 -11.41
CA ALA B 89 7.08 25.95 -12.45
C ALA B 89 8.13 26.99 -12.83
N ALA B 90 8.81 27.52 -11.81
CA ALA B 90 9.88 28.51 -12.02
C ALA B 90 11.05 27.95 -12.83
N GLU B 91 11.23 26.63 -12.79
CA GLU B 91 12.32 25.97 -13.50
C GLU B 91 11.88 25.34 -14.83
N GLY B 92 10.61 25.52 -15.18
CA GLY B 92 10.07 24.99 -16.43
C GLY B 92 9.84 23.49 -16.37
N LYS B 93 9.82 22.95 -15.16
CA LYS B 93 9.65 21.51 -14.96
C LYS B 93 8.18 21.14 -14.99
N VAL B 94 7.63 21.11 -16.21
CA VAL B 94 6.21 20.86 -16.41
C VAL B 94 5.83 19.46 -15.92
N VAL B 95 6.74 18.49 -16.07
CA VAL B 95 6.47 17.11 -15.62
C VAL B 95 6.19 17.05 -14.11
N THR B 96 6.99 17.75 -13.32
CA THR B 96 6.79 17.77 -11.88
C THR B 96 5.49 18.49 -11.50
N CYS B 97 5.23 19.62 -12.15
CA CYS B 97 3.97 20.34 -11.95
C CYS B 97 2.77 19.44 -12.26
N LEU B 98 2.86 18.69 -13.35
CA LEU B 98 1.78 17.79 -13.72
C LEU B 98 1.60 16.65 -12.72
N LEU B 99 2.69 16.09 -12.23
CA LEU B 99 2.56 15.02 -11.22
C LEU B 99 1.89 15.58 -9.96
N ILE B 100 2.30 16.76 -9.53
CA ILE B 100 1.75 17.33 -8.30
C ILE B 100 0.26 17.63 -8.42
N GLN B 101 -0.13 18.31 -9.48
CA GLN B 101 -1.53 18.63 -9.61
C GLN B 101 -2.41 17.51 -10.17
N SER B 102 -2.10 17.06 -11.36
CA SER B 102 -2.91 16.16 -12.09
C SER B 102 -2.97 14.80 -11.44
N LEU B 103 -1.87 14.37 -10.87
CA LEU B 103 -1.86 13.07 -10.20
C LEU B 103 -2.04 13.02 -8.66
N ILE B 104 -1.21 13.76 -7.95
CA ILE B 104 -1.25 13.71 -6.50
C ILE B 104 -2.51 14.41 -5.99
N ILE B 105 -2.64 15.68 -6.36
CA ILE B 105 -3.74 16.47 -5.81
C ILE B 105 -5.09 15.92 -6.27
N GLU B 106 -5.22 15.62 -7.56
CA GLU B 106 -6.48 15.07 -8.10
C GLU B 106 -6.85 13.72 -7.50
N CYS B 107 -5.85 12.87 -7.24
CA CYS B 107 -6.16 11.57 -6.63
C CYS B 107 -6.50 11.68 -5.16
N PHE B 108 -5.87 12.65 -4.47
CA PHE B 108 -6.21 12.92 -3.07
C PHE B 108 -7.66 13.40 -3.01
N ALA B 109 -8.02 14.30 -3.93
CA ALA B 109 -9.40 14.80 -4.02
C ALA B 109 -10.42 13.69 -4.33
N ILE B 110 -10.14 12.87 -5.35
CA ILE B 110 -11.01 11.75 -5.73
C ILE B 110 -11.27 10.84 -4.53
N ALA B 111 -10.20 10.51 -3.82
CA ALA B 111 -10.28 9.67 -2.64
C ALA B 111 -11.18 10.31 -1.57
N ALA B 112 -10.94 11.59 -1.29
CA ALA B 112 -11.71 12.31 -0.28
C ALA B 112 -13.20 12.33 -0.63
N TYR B 113 -13.53 12.63 -1.88
CA TYR B 113 -14.93 12.70 -2.29
C TYR B 113 -15.61 11.34 -2.17
N ASN B 114 -14.93 10.29 -2.63
CA ASN B 114 -15.44 8.91 -2.56
C ASN B 114 -15.77 8.48 -1.13
N ILE B 115 -14.92 8.84 -0.18
CA ILE B 115 -15.10 8.41 1.20
C ILE B 115 -16.12 9.29 1.93
N TYR B 116 -16.22 10.56 1.50
CA TYR B 116 -17.14 11.50 2.14
C TYR B 116 -18.59 11.23 1.76
N ILE B 117 -18.84 10.93 0.48
CA ILE B 117 -20.20 10.76 -0.01
C ILE B 117 -21.12 9.89 0.87
N PRO B 118 -20.69 8.68 1.25
CA PRO B 118 -21.57 7.81 2.04
C PRO B 118 -21.94 8.33 3.44
N VAL B 119 -21.14 9.26 3.98
CA VAL B 119 -21.39 9.78 5.34
C VAL B 119 -21.79 11.26 5.36
N ALA B 120 -21.84 11.89 4.19
CA ALA B 120 -22.17 13.31 4.06
C ALA B 120 -23.63 13.58 4.35
N ASP B 121 -23.92 14.79 4.82
CA ASP B 121 -25.30 15.26 4.91
C ASP B 121 -25.87 15.35 3.50
N ALA B 122 -27.19 15.26 3.39
CA ALA B 122 -27.84 15.16 2.07
C ALA B 122 -27.48 16.27 1.09
N PHE B 123 -27.38 17.50 1.59
CA PHE B 123 -27.05 18.67 0.77
C PHE B 123 -25.64 18.57 0.21
N ALA B 124 -24.67 18.35 1.09
CA ALA B 124 -23.28 18.25 0.67
C ALA B 124 -23.02 17.00 -0.18
N ARG B 125 -23.78 15.94 0.08
CA ARG B 125 -23.64 14.72 -0.71
C ARG B 125 -23.94 14.97 -2.19
N LYS B 126 -25.04 15.68 -2.45
CA LYS B 126 -25.41 15.99 -3.83
C LYS B 126 -24.39 16.91 -4.50
N ILE B 127 -23.90 17.90 -3.77
CA ILE B 127 -22.85 18.78 -4.29
C ILE B 127 -21.63 17.95 -4.68
N THR B 128 -21.21 17.06 -3.78
CA THR B 128 -20.02 16.26 -3.98
C THR B 128 -20.19 15.27 -5.13
N GLU B 129 -21.37 14.67 -5.22
CA GLU B 129 -21.69 13.78 -6.34
C GLU B 129 -21.56 14.51 -7.69
N GLY B 130 -21.96 15.78 -7.71
CA GLY B 130 -21.81 16.62 -8.90
C GLY B 130 -20.36 16.85 -9.27
N VAL B 131 -19.49 17.06 -8.29
CA VAL B 131 -18.09 17.25 -8.55
C VAL B 131 -17.45 15.97 -9.10
N VAL B 132 -17.79 14.87 -8.44
CA VAL B 132 -17.28 13.57 -8.90
C VAL B 132 -17.71 13.32 -10.34
N ARG B 133 -18.95 13.65 -10.67
CA ARG B 133 -19.43 13.51 -12.04
C ARG B 133 -18.61 14.38 -13.00
N ASP B 134 -18.41 15.64 -12.62
CA ASP B 134 -17.63 16.58 -13.43
C ASP B 134 -16.23 16.04 -13.71
N GLU B 135 -15.60 15.50 -12.67
CA GLU B 135 -14.25 14.94 -12.79
C GLU B 135 -14.22 13.71 -13.70
N TYR B 136 -15.28 12.91 -13.67
CA TYR B 136 -15.42 11.75 -14.57
C TYR B 136 -15.42 12.17 -16.04
N LEU B 137 -16.22 13.18 -16.33
CA LEU B 137 -16.61 13.52 -17.70
C LEU B 137 -15.65 14.48 -18.41
N HIS B 138 -14.58 14.87 -17.71
CA HIS B 138 -13.50 15.66 -18.31
C HIS B 138 -12.26 14.78 -18.37
N ARG B 139 -11.52 14.85 -19.47
CA ARG B 139 -10.27 14.10 -19.56
C ARG B 139 -9.25 14.69 -18.59
N ASN B 140 -8.45 13.83 -17.97
CA ASN B 140 -7.37 14.30 -17.11
C ASN B 140 -6.22 14.71 -18.02
N PHE B 141 -6.09 16.02 -18.24
CA PHE B 141 -5.11 16.57 -19.16
C PHE B 141 -3.70 16.11 -18.85
N GLY B 142 -3.30 16.25 -17.59
CA GLY B 142 -1.95 15.93 -17.17
C GLY B 142 -1.62 14.46 -17.35
N GLU B 143 -2.58 13.61 -17.02
CA GLU B 143 -2.42 12.18 -17.18
C GLU B 143 -2.21 11.82 -18.65
N GLU B 144 -3.00 12.43 -19.54
CA GLU B 144 -2.86 12.19 -20.97
C GLU B 144 -1.56 12.75 -21.54
N TRP B 145 -1.15 13.92 -21.06
CA TRP B 145 0.08 14.57 -21.51
C TRP B 145 1.28 13.70 -21.12
N LEU B 146 1.29 13.22 -19.88
CA LEU B 146 2.38 12.38 -19.39
C LEU B 146 2.46 11.04 -20.12
N LYS B 147 1.30 10.46 -20.42
CA LYS B 147 1.22 9.22 -21.19
C LYS B 147 1.82 9.42 -22.59
N ALA B 148 1.44 10.51 -23.24
CA ALA B 148 1.93 10.83 -24.58
C ALA B 148 3.43 11.14 -24.62
N ASN B 149 3.97 11.58 -23.49
CA ASN B 149 5.38 11.94 -23.40
C ASN B 149 6.11 11.12 -22.35
N PHE B 150 5.72 9.86 -22.20
CA PHE B 150 6.21 9.00 -21.11
C PHE B 150 7.72 8.78 -21.08
N ASP B 151 8.29 8.36 -22.19
CA ASP B 151 9.72 8.03 -22.23
C ASP B 151 10.61 9.19 -21.76
N ALA B 152 10.34 10.39 -22.27
CA ALA B 152 11.11 11.58 -21.94
C ALA B 152 10.80 12.11 -20.52
N SER B 153 9.64 11.73 -19.99
CA SER B 153 9.17 12.21 -18.69
C SER B 153 9.42 11.25 -17.52
N LYS B 154 9.74 9.99 -17.84
CA LYS B 154 9.77 8.93 -16.83
C LYS B 154 10.69 9.21 -15.64
N ALA B 155 11.94 9.59 -15.92
CA ALA B 155 12.92 9.84 -14.87
C ALA B 155 12.46 10.97 -13.93
N GLU B 156 11.97 12.06 -14.52
CA GLU B 156 11.50 13.18 -13.69
C GLU B 156 10.26 12.80 -12.89
N LEU B 157 9.38 11.99 -13.48
CA LEU B 157 8.23 11.49 -12.73
C LEU B 157 8.64 10.70 -11.49
N GLU B 158 9.64 9.84 -11.63
CA GLU B 158 10.09 9.04 -10.48
C GLU B 158 10.69 9.94 -9.42
N GLU B 159 11.46 10.94 -9.84
CA GLU B 159 12.02 11.92 -8.91
C GLU B 159 10.91 12.74 -8.23
N ALA B 160 9.93 13.19 -9.01
CA ALA B 160 8.82 13.98 -8.48
C ALA B 160 8.00 13.17 -7.49
N ASN B 161 7.80 11.89 -7.77
CA ASN B 161 7.13 11.02 -6.81
C ASN B 161 7.91 10.90 -5.49
N ARG B 162 9.23 10.71 -5.57
CA ARG B 162 10.04 10.61 -4.36
C ARG B 162 9.98 11.87 -3.51
N GLN B 163 9.91 13.02 -4.17
CA GLN B 163 9.91 14.30 -3.46
C GLN B 163 8.53 14.69 -2.92
N ASN B 164 7.47 14.23 -3.57
CA ASN B 164 6.12 14.71 -3.26
C ASN B 164 5.14 13.72 -2.64
N LEU B 165 5.29 12.44 -2.95
CA LEU B 165 4.41 11.44 -2.35
C LEU B 165 4.47 11.40 -0.81
N PRO B 166 5.67 11.54 -0.21
CA PRO B 166 5.68 11.60 1.26
C PRO B 166 4.85 12.74 1.84
N LEU B 167 4.68 13.83 1.09
CA LEU B 167 3.83 14.93 1.55
C LEU B 167 2.36 14.50 1.69
N VAL B 168 1.93 13.58 0.83
CA VAL B 168 0.57 12.99 0.94
C VAL B 168 0.38 12.20 2.22
N TRP B 169 1.38 11.43 2.60
CA TRP B 169 1.31 10.72 3.85
C TRP B 169 1.12 11.63 5.03
N LEU B 170 1.81 12.73 5.03
CA LEU B 170 1.70 13.66 6.10
C LEU B 170 0.31 14.30 6.07
N MET B 171 -0.18 14.53 4.88
CA MET B 171 -1.52 15.10 4.77
C MET B 171 -2.59 14.13 5.28
N LEU B 172 -2.46 12.88 4.96
CA LEU B 172 -3.37 11.87 5.48
C LEU B 172 -3.30 11.80 7.02
N ASN B 173 -2.09 11.92 7.58
CA ASN B 173 -1.93 11.99 9.04
C ASN B 173 -2.64 13.18 9.67
N GLU B 174 -2.46 14.34 9.06
CA GLU B 174 -3.00 15.60 9.59
C GLU B 174 -4.51 15.73 9.48
N VAL B 175 -5.14 14.98 8.58
CA VAL B 175 -6.60 15.00 8.47
C VAL B 175 -7.30 13.91 9.27
N ALA B 176 -6.54 12.95 9.78
CA ALA B 176 -7.09 11.72 10.37
C ALA B 176 -8.14 11.95 11.46
N ASP B 177 -7.81 12.78 12.45
CA ASP B 177 -8.71 13.07 13.57
C ASP B 177 -10.01 13.74 13.11
N ASP B 178 -9.89 14.79 12.32
CA ASP B 178 -11.07 15.51 11.81
C ASP B 178 -11.90 14.65 10.86
N ALA B 179 -11.23 13.91 9.98
CA ALA B 179 -11.92 13.01 9.07
C ALA B 179 -12.75 11.99 9.86
N ARG B 180 -12.16 11.45 10.93
CA ARG B 180 -12.84 10.47 11.78
C ARG B 180 -14.10 11.04 12.43
N GLU B 181 -14.04 12.31 12.84
CA GLU B 181 -15.21 13.00 13.38
C GLU B 181 -16.34 13.07 12.34
N LEU B 182 -15.97 13.13 11.07
CA LEU B 182 -16.95 13.17 9.97
C LEU B 182 -17.42 11.79 9.52
N GLY B 183 -16.92 10.74 10.18
CA GLY B 183 -17.27 9.37 9.82
C GLY B 183 -16.38 8.81 8.72
N MET B 184 -15.25 9.47 8.49
CA MET B 184 -14.31 9.03 7.45
C MET B 184 -13.02 8.49 8.06
N GLU B 185 -12.70 7.25 7.70
CA GLU B 185 -11.55 6.56 8.27
C GLU B 185 -10.30 6.80 7.44
N ARG B 186 -9.19 7.05 8.12
CA ARG B 186 -7.91 7.27 7.46
C ARG B 186 -7.56 6.10 6.53
N GLU B 187 -7.78 4.88 7.01
CA GLU B 187 -7.50 3.69 6.20
C GLU B 187 -8.23 3.71 4.86
N SER B 188 -9.50 4.12 4.90
CA SER B 188 -10.32 4.22 3.69
C SER B 188 -9.78 5.25 2.72
N LEU B 189 -9.30 6.37 3.25
CA LEU B 189 -8.72 7.44 2.43
C LEU B 189 -7.42 6.99 1.78
N VAL B 190 -6.56 6.32 2.56
CA VAL B 190 -5.31 5.78 2.05
C VAL B 190 -5.59 4.79 0.92
N GLU B 191 -6.53 3.90 1.15
CA GLU B 191 -6.91 2.88 0.17
C GLU B 191 -7.43 3.49 -1.12
N ASP B 192 -8.37 4.43 -1.03
CA ASP B 192 -8.89 5.04 -2.25
C ASP B 192 -7.85 5.87 -2.99
N PHE B 193 -6.95 6.51 -2.24
CA PHE B 193 -5.85 7.23 -2.88
C PHE B 193 -4.95 6.29 -3.67
N MET B 194 -4.59 5.16 -3.06
CA MET B 194 -3.71 4.21 -3.73
C MET B 194 -4.31 3.64 -5.00
N ILE B 195 -5.61 3.38 -4.97
CA ILE B 195 -6.32 2.86 -6.14
C ILE B 195 -6.24 3.89 -7.27
N ALA B 196 -6.59 5.14 -6.95
CA ALA B 196 -6.59 6.19 -7.96
C ALA B 196 -5.20 6.48 -8.52
N TYR B 197 -4.23 6.61 -7.63
CA TYR B 197 -2.87 7.00 -8.00
C TYR B 197 -2.18 5.87 -8.77
N GLY B 198 -2.35 4.64 -8.29
CA GLY B 198 -1.77 3.47 -8.93
C GLY B 198 -2.32 3.29 -10.33
N GLU B 199 -3.63 3.48 -10.49
CA GLU B 199 -4.24 3.39 -11.81
C GLU B 199 -3.69 4.47 -12.74
N ALA B 200 -3.54 5.68 -12.21
CA ALA B 200 -3.03 6.78 -13.02
C ALA B 200 -1.61 6.50 -13.51
N LEU B 201 -0.75 6.02 -12.61
CA LEU B 201 0.63 5.68 -12.97
C LEU B 201 0.67 4.56 -14.01
N GLU B 202 -0.21 3.59 -13.87
CA GLU B 202 -0.28 2.48 -14.83
C GLU B 202 -0.68 3.02 -16.21
N ASN B 203 -1.69 3.90 -16.23
CA ASN B 203 -2.15 4.52 -17.48
C ASN B 203 -1.04 5.28 -18.20
N ILE B 204 -0.21 5.96 -17.42
CA ILE B 204 0.88 6.77 -17.95
C ILE B 204 1.98 5.90 -18.57
N GLY B 205 2.22 4.73 -17.98
CA GLY B 205 3.17 3.78 -18.56
C GLY B 205 4.02 2.99 -17.58
N PHE B 206 3.82 3.21 -16.28
CA PHE B 206 4.55 2.46 -15.27
C PHE B 206 4.05 1.01 -15.15
N THR B 207 4.97 0.10 -14.86
CA THR B 207 4.64 -1.31 -14.68
C THR B 207 4.13 -1.58 -13.26
N THR B 208 3.55 -2.75 -13.03
CA THR B 208 3.09 -3.11 -11.68
C THR B 208 4.21 -3.03 -10.64
N ARG B 209 5.37 -3.58 -11.00
CA ARG B 209 6.55 -3.53 -10.14
C ARG B 209 6.94 -2.10 -9.78
N GLU B 210 6.95 -1.23 -10.80
CA GLU B 210 7.28 0.19 -10.59
C GLU B 210 6.26 0.87 -9.69
N ILE B 211 4.98 0.58 -9.88
CA ILE B 211 3.91 1.17 -9.06
C ILE B 211 4.00 0.71 -7.61
N MET B 212 4.30 -0.55 -7.38
CA MET B 212 4.48 -1.07 -6.02
C MET B 212 5.64 -0.35 -5.32
N ARG B 213 6.77 -0.20 -6.02
CA ARG B 213 7.93 0.49 -5.46
C ARG B 213 7.64 1.96 -5.18
N MET B 214 6.99 2.63 -6.13
CA MET B 214 6.68 4.06 -6.01
C MET B 214 5.69 4.34 -4.89
N SER B 215 4.70 3.45 -4.73
CA SER B 215 3.71 3.57 -3.67
C SER B 215 4.33 3.40 -2.29
N ALA B 216 5.17 2.37 -2.15
CA ALA B 216 5.83 2.05 -0.89
C ALA B 216 6.72 3.21 -0.45
N TYR B 217 7.36 3.85 -1.42
CA TYR B 217 8.32 4.89 -1.13
C TYR B 217 7.70 5.99 -0.27
N GLY B 218 6.51 6.43 -0.66
CA GLY B 218 5.87 7.54 0.00
C GLY B 218 4.88 7.18 1.08
N LEU B 219 4.30 5.98 0.99
CA LEU B 219 3.17 5.62 1.86
C LEU B 219 3.43 4.48 2.85
N ALA B 220 4.57 3.82 2.72
CA ALA B 220 4.92 2.66 3.53
C ALA B 220 6.27 2.76 4.20
N ALA B 221 6.77 3.97 4.31
CA ALA B 221 8.15 4.19 4.69
C ALA B 221 8.35 4.37 6.20
N VAL B 222 7.28 4.47 6.95
CA VAL B 222 7.32 4.46 8.41
C VAL B 222 8.66 4.24 9.08
#